data_4BRX
#
_entry.id   4BRX
#
_cell.length_a   44.530
_cell.length_b   45.400
_cell.length_c   66.320
_cell.angle_alpha   90.00
_cell.angle_beta   95.24
_cell.angle_gamma   90.00
#
_symmetry.space_group_name_H-M   'P 1 21 1'
#
loop_
_entity.id
_entity.type
_entity.pdbx_description
1 polymer 'FOCAL ADHESION KINASE 1'
2 non-polymer 2-(4-(2-methoxy-4-morpholinophenylamino)-1,3,5-triazin-2-ylamino)-N-methylbenzamide
3 non-polymer 'SULFATE ION'
4 water water
#
_entity_poly.entity_id   1
_entity_poly.type   'polypeptide(L)'
_entity_poly.pdbx_seq_one_letter_code
;STRDYEIQRERIELGRCIGEGQFGDVHQGIYMSPENPAMAVAIKTCKNCTSDSVREKFLQEALTMRQFDHPHIVKLIGVI
TENPVWIIMELCTLGELRSFLQVRKFSLDLASLILYAYQLSTALAYLESKRFVHRDIAARNVLVSATDCVKLGDFGLSRY
MEDSTYYKASKGKLPIKWMAPESINFRRFTSASDVWMFGVCMWEILMHGVKPFQGVKNNDVIGRIENGERLPMPPNCPPT
LYSLMTKCWAYDPSRRPRFTELKAQLSTILEEEKLQ
;
_entity_poly.pdbx_strand_id   A
#
loop_
_chem_comp.id
_chem_comp.type
_chem_comp.name
_chem_comp.formula
KGW non-polymer 2-(4-(2-methoxy-4-morpholinophenylamino)-1,3,5-triazin-2-ylamino)-N-methylbenzamide 'C22 H25 N7 O3'
SO4 non-polymer 'SULFATE ION' 'O4 S -2'
#
# COMPACT_ATOMS: atom_id res chain seq x y z
N ARG A 3 -20.18 6.63 16.01
CA ARG A 3 -19.00 7.47 15.62
C ARG A 3 -19.46 8.71 14.87
N ASP A 4 -19.01 9.85 15.36
CA ASP A 4 -19.09 11.10 14.63
C ASP A 4 -17.65 11.35 14.19
N TYR A 5 -17.44 11.45 12.88
CA TYR A 5 -16.09 11.62 12.33
C TYR A 5 -15.58 13.06 12.25
N GLU A 6 -16.44 14.03 12.48
CA GLU A 6 -16.06 15.43 12.42
C GLU A 6 -15.18 15.79 13.63
N ILE A 7 -14.09 16.50 13.35
CA ILE A 7 -13.08 16.83 14.35
C ILE A 7 -12.92 18.35 14.38
N GLN A 8 -12.89 18.93 15.58
CA GLN A 8 -12.72 20.37 15.69
C GLN A 8 -11.34 20.74 15.19
N ARG A 9 -11.25 21.82 14.41
CA ARG A 9 -9.99 22.21 13.80
C ARG A 9 -8.89 22.43 14.83
N GLU A 10 -9.23 23.08 15.94
CA GLU A 10 -8.26 23.37 17.02
C GLU A 10 -7.62 22.12 17.67
N ARG A 11 -8.22 20.95 17.44
CA ARG A 11 -7.64 19.68 17.94
C ARG A 11 -6.47 19.19 17.10
N ILE A 12 -6.22 19.88 15.99
CA ILE A 12 -5.21 19.47 15.05
C ILE A 12 -4.14 20.54 14.98
N GLU A 13 -2.89 20.12 15.14
CA GLU A 13 -1.76 20.98 14.88
C GLU A 13 -1.02 20.47 13.64
N LEU A 14 -0.86 21.34 12.64
CA LEU A 14 -0.31 20.95 11.35
C LEU A 14 1.20 20.99 11.44
N GLY A 15 1.85 19.86 11.14
CA GLY A 15 3.32 19.78 11.16
C GLY A 15 3.86 19.85 9.74
N ARG A 16 4.93 19.14 9.46
CA ARG A 16 5.57 19.27 8.14
C ARG A 16 4.86 18.51 6.99
N CYS A 17 5.02 19.04 5.77
CA CYS A 17 4.57 18.37 4.56
CA CYS A 17 4.57 18.37 4.56
C CYS A 17 5.38 17.09 4.40
N ILE A 18 4.70 15.98 4.20
CA ILE A 18 5.36 14.70 4.02
C ILE A 18 5.06 14.13 2.64
N GLY A 19 4.44 14.94 1.77
CA GLY A 19 4.11 14.51 0.39
C GLY A 19 2.89 15.23 -0.20
N GLU A 20 2.32 14.66 -1.27
CA GLU A 20 1.17 15.27 -1.93
C GLU A 20 0.37 14.27 -2.76
N GLY A 21 -0.90 14.61 -3.01
CA GLY A 21 -1.73 13.81 -3.89
C GLY A 21 -2.53 14.65 -4.85
N GLN A 22 -3.46 14.02 -5.54
CA GLN A 22 -4.29 14.71 -6.54
C GLN A 22 -4.88 16.03 -6.02
N PHE A 23 -5.30 16.04 -4.76
CA PHE A 23 -6.06 17.18 -4.19
C PHE A 23 -5.25 18.25 -3.45
N GLY A 24 -4.03 17.91 -3.06
CA GLY A 24 -3.17 18.83 -2.33
C GLY A 24 -2.12 18.11 -1.48
N ASP A 25 -1.61 18.82 -0.47
CA ASP A 25 -0.48 18.35 0.35
C ASP A 25 -0.93 17.43 1.45
N VAL A 26 -0.02 16.52 1.83
CA VAL A 26 -0.20 15.65 2.97
C VAL A 26 0.79 16.10 4.04
N HIS A 27 0.29 16.29 5.27
CA HIS A 27 1.13 16.74 6.38
C HIS A 27 1.19 15.66 7.45
N GLN A 28 2.28 15.61 8.20
CA GLN A 28 2.16 15.00 9.51
C GLN A 28 1.72 16.09 10.52
N GLY A 29 1.08 15.67 11.60
CA GLY A 29 0.76 16.59 12.69
C GLY A 29 0.32 15.87 13.94
N ILE A 30 -0.56 16.49 14.70
CA ILE A 30 -0.96 15.93 15.98
C ILE A 30 -2.45 16.15 16.14
N TYR A 31 -3.13 15.14 16.71
CA TYR A 31 -4.48 15.27 17.23
C TYR A 31 -4.45 15.37 18.79
N MET A 32 -4.92 16.49 19.31
CA MET A 32 -4.99 16.75 20.75
C MET A 32 -6.40 16.63 21.30
N SER A 33 -6.53 16.10 22.51
CA SER A 33 -7.81 15.91 23.16
C SER A 33 -7.63 15.96 24.70
N PRO A 34 -8.64 16.47 25.44
CA PRO A 34 -8.51 16.67 26.90
C PRO A 34 -8.09 15.38 27.60
N GLU A 35 -7.14 15.49 28.53
CA GLU A 35 -6.61 14.38 29.35
C GLU A 35 -5.96 13.21 28.60
N ASN A 36 -5.68 13.41 27.31
CA ASN A 36 -5.01 12.40 26.49
C ASN A 36 -3.63 12.82 25.97
N PRO A 37 -2.74 11.81 25.76
CA PRO A 37 -1.51 12.12 25.05
C PRO A 37 -1.84 12.61 23.64
N ALA A 38 -1.00 13.51 23.13
CA ALA A 38 -1.14 13.95 21.77
C ALA A 38 -0.96 12.71 20.87
N MET A 39 -1.83 12.55 19.87
CA MET A 39 -1.78 11.42 18.93
C MET A 39 -1.24 11.92 17.59
N ALA A 40 -0.13 11.33 17.13
CA ALA A 40 0.43 11.60 15.79
C ALA A 40 -0.48 11.20 14.61
N VAL A 41 -0.60 12.09 13.62
CA VAL A 41 -1.56 11.85 12.54
C VAL A 41 -1.00 12.31 11.22
N ALA A 42 -1.54 11.73 10.15
CA ALA A 42 -1.35 12.23 8.80
C ALA A 42 -2.57 13.05 8.49
N ILE A 43 -2.36 14.14 7.76
CA ILE A 43 -3.40 15.10 7.39
C ILE A 43 -3.38 15.37 5.87
N LYS A 44 -4.42 14.96 5.15
CA LYS A 44 -4.54 15.28 3.75
C LYS A 44 -5.21 16.64 3.60
N THR A 45 -4.65 17.53 2.78
CA THR A 45 -5.31 18.83 2.50
C THR A 45 -5.86 18.91 1.06
N CYS A 46 -6.84 19.79 0.88
CA CYS A 46 -7.44 20.04 -0.42
C CYS A 46 -7.34 21.54 -0.67
N LYS A 47 -6.35 21.96 -1.46
CA LYS A 47 -6.28 23.36 -1.88
C LYS A 47 -7.33 23.55 -2.97
N ASN A 48 -8.00 24.70 -2.95
CA ASN A 48 -9.22 24.97 -3.74
C ASN A 48 -10.33 23.89 -3.70
N CYS A 49 -10.49 23.26 -2.53
CA CYS A 49 -11.73 22.59 -2.17
C CYS A 49 -12.85 23.61 -2.28
N THR A 50 -14.04 23.15 -2.66
CA THR A 50 -15.22 24.03 -2.87
C THR A 50 -14.87 25.28 -3.74
N SER A 51 -14.84 25.17 -5.08
CA SER A 51 -15.03 23.95 -5.90
C SER A 51 -15.76 22.75 -5.28
N ASP A 52 -17.09 22.72 -5.45
CA ASP A 52 -17.95 21.81 -4.70
C ASP A 52 -17.86 20.37 -5.17
N SER A 53 -17.62 20.19 -6.47
CA SER A 53 -17.46 18.89 -7.06
C SER A 53 -16.13 18.27 -6.61
N VAL A 54 -15.11 19.09 -6.47
CA VAL A 54 -13.79 18.68 -5.98
C VAL A 54 -13.84 18.17 -4.53
N ARG A 55 -14.50 18.92 -3.65
CA ARG A 55 -14.71 18.53 -2.26
C ARG A 55 -15.38 17.17 -2.13
N GLU A 56 -16.35 16.92 -3.01
CA GLU A 56 -17.05 15.65 -3.04
C GLU A 56 -16.12 14.47 -3.27
N LYS A 57 -15.29 14.52 -4.33
CA LYS A 57 -14.39 13.41 -4.58
C LYS A 57 -13.25 13.30 -3.57
N PHE A 58 -12.77 14.43 -3.05
CA PHE A 58 -11.78 14.44 -1.95
C PHE A 58 -12.31 13.67 -0.75
N LEU A 59 -13.47 14.06 -0.25
CA LEU A 59 -14.05 13.43 0.95
C LEU A 59 -14.46 11.98 0.70
N GLN A 60 -14.79 11.63 -0.54
CA GLN A 60 -14.98 10.23 -0.91
C GLN A 60 -13.75 9.37 -0.59
N GLU A 61 -12.57 9.91 -0.74
CA GLU A 61 -11.38 9.22 -0.24
C GLU A 61 -11.45 8.81 1.26
N ALA A 62 -11.99 9.69 2.11
CA ALA A 62 -12.18 9.35 3.52
C ALA A 62 -13.20 8.24 3.66
N LEU A 63 -14.29 8.34 2.90
CA LEU A 63 -15.38 7.38 2.95
C LEU A 63 -14.94 5.99 2.57
N THR A 64 -14.07 5.88 1.57
CA THR A 64 -13.45 4.61 1.19
C THR A 64 -12.66 3.98 2.37
N MET A 65 -11.85 4.79 3.05
CA MET A 65 -11.03 4.28 4.16
C MET A 65 -11.88 3.89 5.37
N ARG A 66 -12.98 4.63 5.54
CA ARG A 66 -13.87 4.47 6.68
C ARG A 66 -14.42 3.04 6.76
N GLN A 67 -14.74 2.45 5.62
CA GLN A 67 -15.38 1.15 5.59
C GLN A 67 -14.45 0.01 6.04
N PHE A 68 -13.15 0.29 6.18
CA PHE A 68 -12.17 -0.76 6.48
C PHE A 68 -11.64 -0.70 7.91
N ASP A 69 -11.43 -1.86 8.52
CA ASP A 69 -10.97 -1.92 9.90
C ASP A 69 -9.98 -3.06 10.08
N HIS A 70 -8.71 -2.76 9.85
CA HIS A 70 -7.66 -3.78 9.87
C HIS A 70 -6.36 -3.23 10.40
N PRO A 71 -5.65 -4.05 11.20
CA PRO A 71 -4.37 -3.67 11.81
C PRO A 71 -3.27 -3.31 10.79
N HIS A 72 -3.41 -3.74 9.54
CA HIS A 72 -2.38 -3.51 8.52
C HIS A 72 -2.84 -2.65 7.34
N ILE A 73 -3.82 -1.80 7.63
CA ILE A 73 -4.37 -0.80 6.74
C ILE A 73 -4.54 0.48 7.56
N VAL A 74 -4.04 1.63 7.05
CA VAL A 74 -4.09 2.87 7.83
C VAL A 74 -5.54 3.22 8.09
N LYS A 75 -5.80 3.78 9.26
CA LYS A 75 -7.16 4.10 9.68
C LYS A 75 -7.51 5.56 9.51
N LEU A 76 -8.78 5.81 9.18
CA LEU A 76 -9.33 7.16 9.15
C LEU A 76 -9.53 7.61 10.59
N ILE A 77 -9.11 8.83 10.91
CA ILE A 77 -9.41 9.33 12.24
C ILE A 77 -10.69 10.17 12.17
N GLY A 78 -10.77 11.03 11.16
CA GLY A 78 -11.85 11.98 11.14
C GLY A 78 -11.69 12.95 10.02
N VAL A 79 -12.60 13.92 9.96
CA VAL A 79 -12.58 14.84 8.85
C VAL A 79 -12.88 16.21 9.39
N ILE A 80 -12.42 17.25 8.70
CA ILE A 80 -12.87 18.60 8.94
C ILE A 80 -13.55 19.09 7.66
N THR A 81 -14.88 19.17 7.70
CA THR A 81 -15.66 19.43 6.48
C THR A 81 -16.00 20.91 6.21
N GLU A 82 -15.32 21.83 6.90
CA GLU A 82 -15.39 23.27 6.61
C GLU A 82 -14.08 23.66 5.94
N ASN A 83 -14.09 24.74 5.16
CA ASN A 83 -12.90 25.15 4.41
C ASN A 83 -11.80 25.68 5.32
N PRO A 84 -10.54 25.23 5.11
CA PRO A 84 -10.09 24.22 4.13
C PRO A 84 -10.34 22.80 4.63
N VAL A 85 -10.89 21.96 3.79
CA VAL A 85 -11.30 20.60 4.16
C VAL A 85 -10.05 19.70 4.37
N TRP A 86 -10.00 18.98 5.51
CA TRP A 86 -8.91 18.05 5.78
C TRP A 86 -9.39 16.65 6.13
N ILE A 87 -8.61 15.65 5.73
CA ILE A 87 -8.89 14.29 6.17
C ILE A 87 -7.80 13.91 7.12
N ILE A 88 -8.16 13.33 8.27
CA ILE A 88 -7.20 13.00 9.30
C ILE A 88 -7.06 11.49 9.37
N MET A 89 -5.82 11.03 9.19
CA MET A 89 -5.51 9.59 9.13
C MET A 89 -4.47 9.26 10.19
N GLU A 90 -4.43 7.97 10.54
CA GLU A 90 -3.39 7.39 11.36
C GLU A 90 -2.01 7.66 10.74
N LEU A 91 -1.02 8.02 11.55
CA LEU A 91 0.32 8.23 11.03
C LEU A 91 1.15 6.96 11.25
N CYS A 92 1.88 6.55 10.22
CA CYS A 92 2.92 5.53 10.37
C CYS A 92 4.24 6.29 10.45
N THR A 93 4.83 6.33 11.64
CA THR A 93 5.90 7.29 11.94
C THR A 93 7.25 7.01 11.22
N LEU A 94 7.48 5.80 10.77
CA LEU A 94 8.74 5.50 10.08
C LEU A 94 8.70 5.73 8.57
N GLY A 95 7.55 6.13 8.02
CA GLY A 95 7.51 6.62 6.66
C GLY A 95 7.27 5.53 5.63
N GLU A 96 7.83 5.71 4.45
CA GLU A 96 7.61 4.82 3.28
C GLU A 96 8.47 3.54 3.36
N LEU A 97 7.91 2.40 2.96
CA LEU A 97 8.69 1.13 3.00
C LEU A 97 10.00 1.18 2.19
N ARG A 98 9.90 1.56 0.92
CA ARG A 98 11.09 1.57 0.02
C ARG A 98 12.29 2.25 0.66
N SER A 99 12.08 3.45 1.18
CA SER A 99 13.22 4.18 1.83
C SER A 99 13.69 3.39 3.06
N PHE A 100 12.72 2.94 3.85
CA PHE A 100 13.03 2.14 5.04
C PHE A 100 13.93 0.94 4.73
N LEU A 101 13.57 0.18 3.68
CA LEU A 101 14.32 -1.02 3.29
C LEU A 101 15.69 -0.69 2.78
N GLN A 102 15.82 0.43 2.07
CA GLN A 102 17.12 0.83 1.53
C GLN A 102 18.08 1.23 2.65
N VAL A 103 17.60 2.02 3.62
CA VAL A 103 18.46 2.48 4.72
C VAL A 103 18.78 1.36 5.74
N ARG A 104 17.81 0.53 6.10
CA ARG A 104 17.97 -0.48 7.16
C ARG A 104 18.43 -1.84 6.64
N LYS A 105 18.77 -1.92 5.36
CA LYS A 105 19.18 -3.18 4.73
C LYS A 105 20.12 -4.07 5.55
N PHE A 106 21.29 -3.56 5.92
CA PHE A 106 22.24 -4.30 6.77
C PHE A 106 21.85 -4.44 8.25
N SER A 107 20.60 -4.14 8.57
CA SER A 107 20.12 -4.26 9.94
C SER A 107 18.81 -4.99 9.97
N LEU A 108 18.34 -5.41 8.81
CA LEU A 108 17.11 -6.19 8.73
C LEU A 108 17.50 -7.60 8.37
N ASP A 109 16.87 -8.56 9.02
CA ASP A 109 17.07 -9.96 8.69
C ASP A 109 16.00 -10.38 7.70
N LEU A 110 16.16 -11.57 7.16
CA LEU A 110 15.17 -12.12 6.24
C LEU A 110 13.80 -12.31 6.93
N ALA A 111 13.82 -12.72 8.20
CA ALA A 111 12.58 -12.89 8.98
C ALA A 111 11.66 -11.67 8.95
N SER A 112 12.25 -10.46 8.96
CA SER A 112 11.47 -9.20 8.97
C SER A 112 10.80 -8.89 7.63
N LEU A 113 11.51 -9.20 6.55
CA LEU A 113 11.04 -8.97 5.21
C LEU A 113 9.82 -9.82 4.86
N ILE A 114 9.83 -11.04 5.36
CA ILE A 114 8.78 -12.01 5.17
C ILE A 114 7.63 -11.63 6.07
N LEU A 115 7.97 -11.16 7.27
CA LEU A 115 6.98 -10.60 8.16
C LEU A 115 6.18 -9.55 7.44
N TYR A 116 6.86 -8.63 6.70
CA TYR A 116 6.15 -7.56 6.03
C TYR A 116 5.23 -8.11 4.97
N ALA A 117 5.70 -9.07 4.15
CA ALA A 117 4.83 -9.64 3.10
C ALA A 117 3.64 -10.37 3.75
N TYR A 118 3.90 -11.06 4.84
CA TYR A 118 2.82 -11.75 5.57
C TYR A 118 1.73 -10.74 6.07
N GLN A 119 2.11 -9.78 6.89
CA GLN A 119 1.20 -8.76 7.36
C GLN A 119 0.33 -8.18 6.25
N LEU A 120 0.98 -7.76 5.17
CA LEU A 120 0.27 -7.19 4.04
C LEU A 120 -0.75 -8.16 3.44
N SER A 121 -0.36 -9.42 3.30
CA SER A 121 -1.25 -10.43 2.74
C SER A 121 -2.49 -10.60 3.61
N THR A 122 -2.35 -10.38 4.93
CA THR A 122 -3.49 -10.47 5.85
C THR A 122 -4.44 -9.32 5.58
N ALA A 123 -3.88 -8.13 5.32
CA ALA A 123 -4.66 -6.96 4.89
C ALA A 123 -5.40 -7.21 3.57
N LEU A 124 -4.70 -7.78 2.60
CA LEU A 124 -5.28 -8.10 1.30
C LEU A 124 -6.30 -9.25 1.31
N ALA A 125 -6.09 -10.26 2.16
CA ALA A 125 -7.13 -11.27 2.44
C ALA A 125 -8.37 -10.61 3.02
N TYR A 126 -8.17 -9.62 3.89
CA TYR A 126 -9.25 -8.80 4.38
C TYR A 126 -9.97 -8.03 3.24
N LEU A 127 -9.23 -7.33 2.40
CA LEU A 127 -9.88 -6.61 1.28
C LEU A 127 -10.67 -7.55 0.34
N GLU A 128 -10.06 -8.67 -0.05
CA GLU A 128 -10.68 -9.62 -0.96
C GLU A 128 -11.99 -10.13 -0.39
N SER A 129 -12.03 -10.39 0.92
CA SER A 129 -13.26 -10.87 1.58
C SER A 129 -14.36 -9.81 1.66
N LYS A 130 -14.02 -8.58 1.30
CA LYS A 130 -14.96 -7.47 1.21
C LYS A 130 -15.15 -7.06 -0.23
N ARG A 131 -14.79 -7.98 -1.14
CA ARG A 131 -14.90 -7.80 -2.58
C ARG A 131 -14.32 -6.47 -3.05
N PHE A 132 -13.26 -6.02 -2.40
CA PHE A 132 -12.64 -4.73 -2.74
C PHE A 132 -11.37 -4.94 -3.56
N VAL A 133 -11.24 -4.16 -4.62
CA VAL A 133 -10.11 -4.28 -5.55
C VAL A 133 -9.29 -3.00 -5.46
N HIS A 134 -8.06 -3.15 -4.98
CA HIS A 134 -7.17 -2.04 -4.69
C HIS A 134 -6.63 -1.41 -5.96
N ARG A 135 -5.98 -2.24 -6.80
CA ARG A 135 -5.45 -1.86 -8.11
C ARG A 135 -4.17 -1.06 -8.05
N ASP A 136 -3.66 -0.75 -6.85
CA ASP A 136 -2.38 -0.05 -6.76
C ASP A 136 -1.46 -0.65 -5.70
N ILE A 137 -1.31 -1.98 -5.70
CA ILE A 137 -0.45 -2.65 -4.74
C ILE A 137 0.98 -2.62 -5.25
N ALA A 138 1.86 -2.16 -4.39
CA ALA A 138 3.18 -1.76 -4.79
C ALA A 138 3.87 -1.27 -3.54
N ALA A 139 5.16 -1.53 -3.42
CA ALA A 139 5.94 -1.12 -2.22
C ALA A 139 5.88 0.41 -1.96
N ARG A 140 5.84 1.21 -3.03
CA ARG A 140 5.69 2.68 -2.95
CA ARG A 140 5.73 2.66 -2.89
C ARG A 140 4.48 3.12 -2.12
N ASN A 141 3.55 2.20 -1.88
CA ASN A 141 2.28 2.51 -1.22
C ASN A 141 2.16 1.87 0.14
N VAL A 142 3.23 1.21 0.59
CA VAL A 142 3.25 0.61 1.92
C VAL A 142 4.00 1.57 2.83
N LEU A 143 3.54 1.65 4.08
CA LEU A 143 4.15 2.54 5.09
C LEU A 143 4.57 1.72 6.28
N VAL A 144 5.49 2.28 7.05
CA VAL A 144 6.13 1.60 8.17
C VAL A 144 5.70 2.27 9.47
N SER A 145 4.97 1.48 10.25
CA SER A 145 4.38 1.91 11.49
C SER A 145 5.36 1.66 12.65
N ALA A 146 6.02 0.51 12.60
CA ALA A 146 7.08 0.14 13.52
C ALA A 146 8.03 -0.79 12.77
N THR A 147 9.20 -1.06 13.35
CA THR A 147 10.11 -2.01 12.70
C THR A 147 9.46 -3.38 12.46
N ASP A 148 8.50 -3.78 13.29
CA ASP A 148 7.76 -5.01 13.03
C ASP A 148 6.31 -4.82 12.58
N CYS A 149 6.03 -3.71 11.90
CA CYS A 149 4.66 -3.40 11.48
C CYS A 149 4.60 -2.50 10.23
N VAL A 150 4.09 -3.06 9.14
CA VAL A 150 3.79 -2.34 7.90
C VAL A 150 2.28 -2.27 7.69
N LYS A 151 1.86 -1.27 6.91
CA LYS A 151 0.47 -1.00 6.58
C LYS A 151 0.36 -0.47 5.18
N LEU A 152 -0.67 -0.95 4.48
CA LEU A 152 -1.13 -0.28 3.30
C LEU A 152 -1.48 1.16 3.62
N GLY A 153 -1.03 2.10 2.80
CA GLY A 153 -1.42 3.48 3.03
C GLY A 153 -2.75 3.86 2.41
N ASP A 154 -3.04 5.16 2.45
CA ASP A 154 -4.31 5.68 1.99
C ASP A 154 -4.61 5.22 0.57
N PHE A 155 -5.86 4.88 0.29
CA PHE A 155 -6.21 4.34 -1.01
C PHE A 155 -6.24 5.47 -2.05
N GLY A 156 -6.62 6.67 -1.63
CA GLY A 156 -6.58 7.83 -2.50
C GLY A 156 -5.19 8.24 -2.94
N LEU A 157 -4.24 8.26 -2.00
CA LEU A 157 -2.85 8.70 -2.27
C LEU A 157 -2.03 7.65 -3.01
N SER A 158 -2.49 6.40 -2.96
CA SER A 158 -1.92 5.27 -3.67
C SER A 158 -2.14 5.30 -5.20
N ARG A 159 -3.11 6.11 -5.65
CA ARG A 159 -3.59 6.02 -7.04
C ARG A 159 -2.64 6.61 -8.09
N TYR A 160 -2.89 6.28 -9.36
CA TYR A 160 -2.03 6.63 -10.52
C TYR A 160 -0.73 5.79 -10.53
N MET A 161 -0.04 5.78 -11.67
CA MET A 161 1.21 5.06 -11.87
C MET A 161 2.12 5.07 -10.64
N LEU A 174 -0.81 4.82 -15.54
CA LEU A 174 -0.73 3.35 -15.59
C LEU A 174 0.57 2.80 -15.03
N PRO A 175 0.50 2.08 -13.90
CA PRO A 175 1.69 1.42 -13.37
C PRO A 175 2.02 0.13 -14.15
N ILE A 176 2.42 0.26 -15.41
CA ILE A 176 2.63 -0.91 -16.27
C ILE A 176 3.48 -2.02 -15.62
N LYS A 177 4.59 -1.62 -14.98
CA LYS A 177 5.53 -2.60 -14.42
C LYS A 177 4.95 -3.47 -13.29
N TRP A 178 3.86 -3.03 -12.65
CA TRP A 178 3.20 -3.79 -11.57
C TRP A 178 1.96 -4.55 -11.99
N MET A 179 1.44 -4.22 -13.17
CA MET A 179 0.11 -4.65 -13.59
C MET A 179 0.04 -6.03 -14.25
N ALA A 180 -1.02 -6.76 -13.90
CA ALA A 180 -1.33 -8.07 -14.49
C ALA A 180 -1.58 -7.90 -15.99
N PRO A 181 -1.24 -8.92 -16.81
CA PRO A 181 -1.45 -8.77 -18.27
C PRO A 181 -2.92 -8.47 -18.67
N GLU A 182 -3.90 -9.10 -18.04
CA GLU A 182 -5.32 -8.86 -18.33
C GLU A 182 -5.82 -7.46 -17.91
N SER A 183 -5.07 -6.83 -16.99
CA SER A 183 -5.28 -5.43 -16.60
C SER A 183 -4.78 -4.46 -17.65
N ILE A 184 -3.61 -4.76 -18.23
CA ILE A 184 -2.99 -3.93 -19.27
C ILE A 184 -3.71 -4.11 -20.61
N ASN A 185 -3.95 -5.37 -21.00
CA ASN A 185 -4.58 -5.67 -22.30
C ASN A 185 -6.06 -5.30 -22.39
N PHE A 186 -6.82 -5.57 -21.34
CA PHE A 186 -8.27 -5.50 -21.41
C PHE A 186 -8.91 -4.73 -20.25
N ARG A 187 -8.11 -3.99 -19.50
CA ARG A 187 -8.58 -3.21 -18.35
C ARG A 187 -9.41 -4.02 -17.33
N ARG A 188 -9.11 -5.30 -17.16
CA ARG A 188 -9.77 -6.09 -16.13
C ARG A 188 -9.01 -6.02 -14.79
N PHE A 189 -9.68 -5.55 -13.75
CA PHE A 189 -9.07 -5.44 -12.44
C PHE A 189 -9.88 -6.24 -11.46
N THR A 190 -9.33 -7.38 -11.03
CA THR A 190 -9.93 -8.22 -10.00
C THR A 190 -8.95 -8.48 -8.84
N SER A 191 -9.37 -9.34 -7.91
CA SER A 191 -8.50 -9.87 -6.88
C SER A 191 -7.33 -10.62 -7.45
N ALA A 192 -7.53 -11.20 -8.62
CA ALA A 192 -6.50 -11.97 -9.30
C ALA A 192 -5.42 -11.03 -9.82
N SER A 193 -5.84 -9.87 -10.35
CA SER A 193 -4.87 -8.90 -10.82
C SER A 193 -4.17 -8.25 -9.59
N ASP A 194 -4.92 -8.12 -8.49
CA ASP A 194 -4.34 -7.67 -7.23
C ASP A 194 -3.25 -8.66 -6.77
N VAL A 195 -3.49 -9.97 -6.97
CA VAL A 195 -2.52 -11.01 -6.61
C VAL A 195 -1.24 -10.90 -7.44
N TRP A 196 -1.38 -10.58 -8.73
CA TRP A 196 -0.23 -10.30 -9.56
C TRP A 196 0.61 -9.20 -8.92
N MET A 197 -0.02 -8.05 -8.64
CA MET A 197 0.70 -6.85 -8.17
C MET A 197 1.38 -7.12 -6.83
N PHE A 198 0.70 -7.90 -5.96
CA PHE A 198 1.28 -8.30 -4.66
C PHE A 198 2.56 -9.11 -4.86
N GLY A 199 2.55 -10.00 -5.85
CA GLY A 199 3.73 -10.76 -6.17
C GLY A 199 4.89 -9.86 -6.48
N VAL A 200 4.64 -8.86 -7.35
CA VAL A 200 5.65 -7.81 -7.59
C VAL A 200 6.04 -7.15 -6.24
N CYS A 201 5.05 -6.81 -5.40
CA CYS A 201 5.34 -6.07 -4.17
C CYS A 201 6.25 -6.83 -3.23
N MET A 202 6.05 -8.16 -3.14
CA MET A 202 6.96 -9.03 -2.41
C MET A 202 8.35 -9.08 -3.01
N TRP A 203 8.43 -9.14 -4.34
CA TRP A 203 9.73 -9.01 -5.02
C TRP A 203 10.40 -7.73 -4.56
N GLU A 204 9.69 -6.58 -4.62
CA GLU A 204 10.34 -5.31 -4.20
C GLU A 204 10.85 -5.44 -2.76
N ILE A 205 10.03 -6.04 -1.90
CA ILE A 205 10.42 -6.20 -0.50
C ILE A 205 11.69 -7.01 -0.36
N LEU A 206 11.81 -8.08 -1.11
CA LEU A 206 13.01 -8.94 -0.97
C LEU A 206 14.26 -8.36 -1.58
N MET A 207 14.06 -7.49 -2.57
CA MET A 207 15.13 -6.69 -3.17
C MET A 207 15.49 -5.44 -2.35
N HIS A 208 14.92 -5.31 -1.15
CA HIS A 208 15.14 -4.12 -0.31
C HIS A 208 14.83 -2.80 -1.04
N GLY A 209 13.71 -2.75 -1.74
CA GLY A 209 13.21 -1.50 -2.34
C GLY A 209 13.77 -1.10 -3.70
N VAL A 210 14.29 -2.08 -4.46
CA VAL A 210 14.70 -1.83 -5.86
C VAL A 210 13.41 -1.98 -6.67
N LYS A 211 13.24 -1.12 -7.69
CA LYS A 211 12.05 -1.16 -8.53
C LYS A 211 12.15 -2.30 -9.57
N PRO A 212 10.98 -2.87 -9.95
CA PRO A 212 10.94 -3.88 -11.01
C PRO A 212 11.27 -3.29 -12.37
N PHE A 213 11.91 -4.11 -13.23
CA PHE A 213 12.21 -3.74 -14.63
C PHE A 213 12.93 -2.40 -14.77
N GLN A 214 13.89 -2.12 -13.87
CA GLN A 214 14.74 -0.94 -14.03
C GLN A 214 15.40 -0.86 -15.42
N GLY A 215 15.45 0.34 -15.99
CA GLY A 215 15.99 0.52 -17.35
C GLY A 215 15.19 -0.05 -18.52
N VAL A 216 14.09 -0.76 -18.25
CA VAL A 216 13.21 -1.29 -19.29
C VAL A 216 12.05 -0.32 -19.52
N LYS A 217 11.85 0.09 -20.77
CA LYS A 217 10.73 0.96 -21.14
C LYS A 217 9.42 0.25 -20.87
N ASN A 218 8.40 1.01 -20.49
CA ASN A 218 7.09 0.44 -20.25
C ASN A 218 6.58 -0.42 -21.40
N ASN A 219 6.68 0.08 -22.63
CA ASN A 219 6.28 -0.69 -23.80
C ASN A 219 6.96 -2.05 -23.94
N ASP A 220 8.27 -2.07 -23.69
CA ASP A 220 9.03 -3.31 -23.73
C ASP A 220 8.52 -4.33 -22.72
N VAL A 221 7.93 -3.82 -21.64
CA VAL A 221 7.53 -4.66 -20.49
C VAL A 221 6.41 -5.65 -20.82
N ILE A 222 5.39 -5.20 -21.55
CA ILE A 222 4.29 -6.12 -21.92
C ILE A 222 4.80 -7.21 -22.87
N GLY A 223 5.68 -6.83 -23.80
CA GLY A 223 6.31 -7.79 -24.72
C GLY A 223 6.99 -8.90 -23.96
N ARG A 224 7.76 -8.52 -22.94
CA ARG A 224 8.54 -9.44 -22.12
C ARG A 224 7.70 -10.40 -21.32
N ILE A 225 6.64 -9.90 -20.69
CA ILE A 225 5.75 -10.75 -19.89
C ILE A 225 5.00 -11.78 -20.78
N GLU A 226 4.59 -11.36 -21.97
CA GLU A 226 3.91 -12.29 -22.88
C GLU A 226 4.83 -13.39 -23.38
N ASN A 227 6.10 -13.06 -23.57
CA ASN A 227 7.13 -14.07 -23.83
C ASN A 227 7.45 -15.01 -22.66
N GLY A 228 6.83 -14.77 -21.51
CA GLY A 228 7.00 -15.62 -20.33
C GLY A 228 8.10 -15.19 -19.37
N GLU A 229 8.78 -14.10 -19.67
CA GLU A 229 9.80 -13.54 -18.76
C GLU A 229 9.15 -13.02 -17.46
N ARG A 230 9.87 -13.16 -16.37
CA ARG A 230 9.42 -12.70 -15.02
C ARG A 230 10.62 -12.18 -14.24
N LEU A 231 10.36 -11.32 -13.26
CA LEU A 231 11.39 -10.84 -12.37
C LEU A 231 12.15 -12.02 -11.76
N PRO A 232 13.50 -11.93 -11.68
CA PRO A 232 14.32 -13.03 -11.18
C PRO A 232 14.20 -13.26 -9.66
N MET A 233 14.65 -14.43 -9.21
CA MET A 233 14.64 -14.75 -7.78
C MET A 233 15.64 -13.88 -7.03
N PRO A 234 15.19 -13.04 -6.06
CA PRO A 234 16.14 -12.18 -5.31
C PRO A 234 17.23 -12.99 -4.57
N PRO A 235 18.45 -12.41 -4.41
CA PRO A 235 19.45 -13.09 -3.56
C PRO A 235 18.89 -13.30 -2.16
N ASN A 236 19.12 -14.49 -1.64
CA ASN A 236 18.68 -14.82 -0.29
C ASN A 236 17.17 -14.84 -0.13
N CYS A 237 16.44 -15.02 -1.24
CA CYS A 237 15.03 -15.36 -1.17
C CYS A 237 14.91 -16.88 -1.12
N PRO A 238 14.22 -17.43 -0.09
CA PRO A 238 14.02 -18.89 -0.01
C PRO A 238 13.22 -19.44 -1.22
N PRO A 239 13.68 -20.56 -1.82
CA PRO A 239 12.99 -21.09 -3.00
C PRO A 239 11.46 -21.13 -2.89
N THR A 240 10.92 -21.63 -1.77
CA THR A 240 9.47 -21.75 -1.60
C THR A 240 8.79 -20.39 -1.72
N LEU A 241 9.42 -19.35 -1.20
CA LEU A 241 8.90 -17.98 -1.35
C LEU A 241 8.89 -17.48 -2.80
N TYR A 242 9.99 -17.72 -3.52
CA TYR A 242 10.05 -17.33 -4.94
C TYR A 242 9.03 -18.14 -5.78
N SER A 243 8.86 -19.41 -5.42
CA SER A 243 7.86 -20.26 -6.01
C SER A 243 6.45 -19.68 -5.83
N LEU A 244 6.13 -19.27 -4.60
CA LEU A 244 4.87 -18.61 -4.30
C LEU A 244 4.69 -17.34 -5.13
N MET A 245 5.78 -16.58 -5.31
CA MET A 245 5.82 -15.37 -6.14
C MET A 245 5.42 -15.66 -7.58
N THR A 246 6.10 -16.66 -8.20
CA THR A 246 5.87 -17.00 -9.61
C THR A 246 4.45 -17.44 -9.83
N LYS A 247 3.89 -18.13 -8.84
CA LYS A 247 2.47 -18.49 -8.83
C LYS A 247 1.56 -17.26 -8.92
N CYS A 248 1.97 -16.15 -8.29
CA CYS A 248 1.23 -14.89 -8.38
C CYS A 248 1.33 -14.34 -9.78
N TRP A 249 2.30 -14.80 -10.56
CA TRP A 249 2.48 -14.26 -11.91
C TRP A 249 2.12 -15.27 -13.02
N ALA A 250 1.24 -16.21 -12.70
CA ALA A 250 0.61 -17.05 -13.73
C ALA A 250 -0.15 -16.14 -14.70
N TYR A 251 0.16 -16.27 -15.99
CA TYR A 251 -0.56 -15.53 -17.03
C TYR A 251 -2.08 -15.70 -16.89
N ASP A 252 -2.49 -16.94 -16.67
CA ASP A 252 -3.90 -17.28 -16.49
C ASP A 252 -4.39 -16.83 -15.09
N PRO A 253 -5.20 -15.75 -15.02
CA PRO A 253 -5.66 -15.18 -13.74
C PRO A 253 -6.25 -16.19 -12.75
N SER A 254 -6.86 -17.28 -13.26
CA SER A 254 -7.49 -18.29 -12.41
C SER A 254 -6.52 -19.38 -11.92
N ARG A 255 -5.27 -19.34 -12.41
CA ARG A 255 -4.21 -20.22 -11.94
C ARG A 255 -3.37 -19.58 -10.80
N ARG A 256 -3.68 -18.34 -10.43
CA ARG A 256 -3.01 -17.65 -9.34
C ARG A 256 -3.70 -18.00 -8.02
N PRO A 257 -2.94 -18.10 -6.89
CA PRO A 257 -3.57 -18.32 -5.58
C PRO A 257 -4.43 -17.14 -5.14
N ARG A 258 -5.42 -17.38 -4.30
CA ARG A 258 -6.15 -16.30 -3.67
C ARG A 258 -5.35 -15.79 -2.47
N PHE A 259 -5.66 -14.55 -2.05
CA PHE A 259 -5.00 -13.93 -0.91
C PHE A 259 -5.19 -14.74 0.36
N THR A 260 -6.33 -15.43 0.45
CA THR A 260 -6.57 -16.39 1.54
C THR A 260 -5.47 -17.47 1.60
N GLU A 261 -5.14 -18.05 0.44
CA GLU A 261 -4.08 -19.04 0.30
C GLU A 261 -2.69 -18.45 0.54
N LEU A 262 -2.49 -17.23 0.04
CA LEU A 262 -1.21 -16.56 0.18
C LEU A 262 -0.92 -16.34 1.64
N LYS A 263 -1.91 -15.87 2.38
CA LYS A 263 -1.79 -15.65 3.82
C LYS A 263 -1.32 -16.95 4.51
N ALA A 264 -2.00 -18.05 4.20
CA ALA A 264 -1.76 -19.35 4.86
C ALA A 264 -0.33 -19.85 4.60
N GLN A 265 0.08 -19.84 3.33
CA GLN A 265 1.42 -20.26 2.93
C GLN A 265 2.55 -19.36 3.46
N LEU A 266 2.33 -18.06 3.48
CA LEU A 266 3.34 -17.12 3.98
C LEU A 266 3.55 -17.30 5.48
N SER A 267 2.46 -17.61 6.18
CA SER A 267 2.53 -17.93 7.61
C SER A 267 3.56 -19.02 7.88
N THR A 268 3.41 -20.15 7.19
CA THR A 268 4.30 -21.30 7.40
C THR A 268 5.73 -21.05 6.92
N ILE A 269 5.89 -20.32 5.80
CA ILE A 269 7.21 -19.88 5.33
C ILE A 269 7.91 -18.97 6.36
N LEU A 270 7.16 -18.04 6.93
CA LEU A 270 7.68 -17.16 7.97
C LEU A 270 8.14 -17.93 9.20
N GLU A 271 7.29 -18.85 9.69
CA GLU A 271 7.58 -19.65 10.88
C GLU A 271 8.84 -20.47 10.66
N GLU A 272 8.96 -21.00 9.44
CA GLU A 272 10.13 -21.76 9.01
C GLU A 272 11.41 -20.95 9.13
N GLU A 273 11.36 -19.70 8.66
CA GLU A 273 12.49 -18.78 8.67
C GLU A 273 12.85 -18.27 10.07
N LYS A 274 11.88 -18.25 10.98
CA LYS A 274 12.19 -18.04 12.37
C LYS A 274 12.61 -19.37 12.94
CBC KGW B . 8.90 11.86 5.19
CBE KGW B . 10.12 12.36 4.39
OBG KGW B . 9.84 12.45 2.94
CBF KGW B . 9.42 11.26 2.30
CBD KGW B . 8.12 10.74 2.95
NBB KGW B . 8.03 10.93 4.41
CBA KGW B . 6.92 10.30 5.12
CAY KGW B . 6.76 10.45 6.51
CAS KGW B . 5.66 9.86 7.16
OAT KGW B . 5.47 9.93 8.48
CAU KGW B . 6.55 10.82 9.10
CAX KGW B . 5.95 9.60 4.41
CAR KGW B . 4.87 9.01 5.06
CAL KGW B . 4.71 9.14 6.44
NAH KGW B . 3.69 8.58 7.13
C2 KGW B . 2.42 8.35 6.72
N3 KGW B . 1.99 8.68 5.49
N1 KGW B . 1.53 7.76 7.56
C6 KGW B . 0.28 7.53 7.19
C4 KGW B . 0.72 8.44 5.11
NAE KGW B . 0.29 8.70 3.87
CAJ KGW B . 1.03 9.19 2.87
CAQ KGW B . 1.80 10.33 3.12
CAW KGW B . 2.55 10.89 2.11
CAZ KGW B . 2.55 10.30 0.84
CAV KGW B . 1.76 9.18 0.57
CAP KGW B . 0.98 8.61 1.58
CAO KGW B . 0.17 7.35 1.23
OAI KGW B . -0.81 6.99 1.92
NAN KGW B . 0.69 6.60 0.25
NAQ KGW B . -0.14 7.86 5.95
CAM KGW B . -0.07 5.39 -0.17
S SO4 C . 14.53 5.76 -5.30
O1 SO4 C . 14.62 7.21 -5.69
O2 SO4 C . 14.01 4.94 -6.46
O3 SO4 C . 13.64 5.66 -4.11
O4 SO4 C . 15.88 5.26 -4.92
#